data_7KMN
#
_entry.id   7KMN
#
_cell.length_a   115.820
_cell.length_b   115.820
_cell.length_c   97.220
_cell.angle_alpha   90.000
_cell.angle_beta   90.000
_cell.angle_gamma   90.000
#
_symmetry.space_group_name_H-M   'I 4'
#
loop_
_entity.id
_entity.type
_entity.pdbx_description
1 polymer 'Beta-galactosidase, GH35 family'
2 non-polymer 'SULFATE ION'
3 water water
#
_entity_poly.entity_id   1
_entity_poly.type   'polypeptide(L)'
_entity_poly.pdbx_seq_one_letter_code
;MGSSHHHHHHSSGLVPRGSHMAQTPMPQFVSKDGKHALMVDGAPFLILGAQVNNSSNYPGIMDKVWPAMQVLGPNTVQVP
IAWEQVEPEEGRFDFSFVDTLLNQAREHKVRLVLLWFATWKNNGPQYAPHWVKTDNQRFPRVVTREGKSIGSLSPHAQAT
LDADRKAFVAFMQHLKKVDPQHTVIMIQPENEAGTYGSVRDFSPMAQKLFDGQVPDELIKRMNKQPGTWAQVFGADADEI
FHAWSIGRYIDQIAQAGKAEYPLPMYVNAALRGPFNPGQPGQYASGGPTDNVLDVWKAAGPHIDLLAPDIYMPEYRMYTT
VLERYARPDNALFVAETGNRPEYARYLYPTLGHNGIGWSAFGIDYTRYSNYPLGAKHVNEETLAPFALGFQAVSMGMRPF
AKAASEGKLHGTAEEPGQAVQELKLNDRWSATITYGVPQFWFKGEPPGNPEPIGAALIAELSPDEFLVTGYHARVTLHPA
SDATANMIYDRVEEGVYEGNDWKFQRNWNGDQTDYGVNFSSVPQLLKIKLATYK
;
_entity_poly.pdbx_strand_id   A
#
loop_
_chem_comp.id
_chem_comp.type
_chem_comp.name
_chem_comp.formula
SO4 non-polymer 'SULFATE ION' 'O4 S -2'
#
# COMPACT_ATOMS: atom_id res chain seq x y z
N THR A 24 21.89 -9.90 -11.24
CA THR A 24 21.42 -9.78 -9.86
C THR A 24 21.04 -8.33 -9.47
N PRO A 25 20.01 -7.78 -10.11
CA PRO A 25 19.70 -6.36 -9.92
C PRO A 25 19.06 -6.09 -8.56
N MET A 26 19.26 -4.88 -8.06
CA MET A 26 18.58 -4.51 -6.84
C MET A 26 17.13 -4.13 -7.13
N PRO A 27 16.28 -4.05 -6.11
CA PRO A 27 14.89 -3.65 -6.35
C PRO A 27 14.82 -2.23 -6.95
N GLN A 28 13.87 -2.05 -7.86
CA GLN A 28 13.68 -0.73 -8.44
C GLN A 28 12.21 -0.57 -8.81
N PHE A 29 11.75 0.67 -8.78
CA PHE A 29 10.40 1.03 -9.17
C PHE A 29 10.45 1.70 -10.53
N VAL A 30 9.66 1.19 -11.47
CA VAL A 30 9.56 1.76 -12.81
C VAL A 30 8.12 2.15 -13.07
N SER A 31 7.93 3.27 -13.78
CA SER A 31 6.61 3.77 -14.10
C SER A 31 6.71 4.55 -15.39
N LYS A 32 5.92 4.17 -16.39
CA LYS A 32 5.95 4.84 -17.69
C LYS A 32 4.59 4.76 -18.32
N ASP A 33 4.04 5.93 -18.68
CA ASP A 33 2.77 6.01 -19.42
C ASP A 33 1.65 5.30 -18.67
N GLY A 34 1.64 5.45 -17.35
CA GLY A 34 0.57 4.95 -16.52
C GLY A 34 0.66 3.48 -16.17
N LYS A 35 1.75 2.81 -16.51
CA LYS A 35 1.99 1.41 -16.15
C LYS A 35 3.21 1.34 -15.25
N HIS A 36 3.13 0.49 -14.22
CA HIS A 36 4.08 0.53 -13.11
C HIS A 36 4.51 -0.88 -12.73
N ALA A 37 5.71 -0.95 -12.16
CA ALA A 37 6.18 -2.22 -11.61
C ALA A 37 7.17 -1.96 -10.49
N LEU A 38 7.02 -2.72 -9.42
CA LEU A 38 8.08 -2.89 -8.44
C LEU A 38 8.90 -4.07 -8.90
N MET A 39 10.11 -3.81 -9.38
CA MET A 39 10.99 -4.86 -9.87
C MET A 39 11.75 -5.42 -8.68
N VAL A 40 11.62 -6.71 -8.45
CA VAL A 40 12.34 -7.38 -7.38
C VAL A 40 13.02 -8.58 -8.01
N ASP A 41 14.35 -8.65 -7.89
CA ASP A 41 15.14 -9.68 -8.52
C ASP A 41 14.89 -9.72 -10.03
N GLY A 42 14.76 -8.54 -10.64
CA GLY A 42 14.73 -8.42 -12.08
C GLY A 42 13.39 -8.66 -12.75
N ALA A 43 12.29 -8.71 -12.00
CA ALA A 43 10.98 -8.93 -12.59
C ALA A 43 9.93 -8.28 -11.70
N PRO A 44 8.75 -7.98 -12.25
CA PRO A 44 7.69 -7.40 -11.42
C PRO A 44 7.32 -8.30 -10.25
N PHE A 45 6.90 -7.63 -9.17
CA PHE A 45 6.65 -8.23 -7.87
C PHE A 45 5.39 -7.57 -7.32
N LEU A 46 4.54 -8.36 -6.67
CA LEU A 46 3.36 -7.82 -5.99
C LEU A 46 3.52 -8.06 -4.50
N ILE A 47 3.48 -6.98 -3.73
CA ILE A 47 3.61 -7.07 -2.29
C ILE A 47 2.32 -7.65 -1.71
N LEU A 48 2.44 -8.76 -1.01
CA LEU A 48 1.36 -9.34 -0.22
C LEU A 48 1.84 -9.18 1.20
N GLY A 49 1.45 -8.06 1.82
CA GLY A 49 2.21 -7.62 2.98
C GLY A 49 1.54 -7.77 4.32
N ALA A 50 2.35 -7.80 5.37
CA ALA A 50 1.90 -7.78 6.75
C ALA A 50 2.75 -6.80 7.53
N GLN A 51 2.13 -5.94 8.32
CA GLN A 51 2.85 -5.01 9.19
C GLN A 51 2.66 -5.38 10.66
N VAL A 52 3.78 -5.54 11.37
CA VAL A 52 3.73 -5.79 12.81
C VAL A 52 3.24 -4.52 13.52
N ASN A 53 2.81 -4.69 14.76
CA ASN A 53 2.38 -3.53 15.54
C ASN A 53 3.56 -2.61 15.86
N ASN A 54 3.22 -1.39 16.31
CA ASN A 54 4.19 -0.29 16.39
C ASN A 54 5.33 -0.55 17.38
N SER A 55 5.15 -1.43 18.35
CA SER A 55 6.17 -1.72 19.35
C SER A 55 6.69 -3.14 19.22
N SER A 56 6.65 -3.68 18.00
CA SER A 56 7.10 -5.04 17.74
C SER A 56 8.41 -4.97 16.96
N ASN A 57 9.34 -4.16 17.43
CA ASN A 57 10.56 -3.82 16.71
C ASN A 57 11.79 -3.99 17.59
N TYR A 58 11.78 -5.01 18.45
CA TYR A 58 12.89 -5.34 19.34
C TYR A 58 13.13 -6.83 19.35
N PRO A 59 14.38 -7.28 19.54
CA PRO A 59 14.67 -8.72 19.52
C PRO A 59 13.79 -9.53 20.46
N GLY A 60 13.53 -9.05 21.67
CA GLY A 60 12.80 -9.78 22.69
C GLY A 60 11.32 -9.99 22.41
N ILE A 61 10.79 -9.40 21.34
CA ILE A 61 9.38 -9.55 20.99
C ILE A 61 9.19 -10.26 19.66
N MET A 62 10.27 -10.56 18.91
CA MET A 62 10.09 -11.14 17.59
C MET A 62 9.51 -12.55 17.64
N ASP A 63 9.62 -13.25 18.76
CA ASP A 63 9.01 -14.58 18.81
C ASP A 63 7.49 -14.52 18.86
N LYS A 64 6.91 -13.33 18.98
CA LYS A 64 5.48 -13.17 18.79
C LYS A 64 5.13 -12.60 17.41
N VAL A 65 6.14 -12.32 16.59
CA VAL A 65 5.90 -11.91 15.21
C VAL A 65 5.89 -13.10 14.27
N TRP A 66 6.94 -13.90 14.27
CA TRP A 66 7.08 -14.88 13.19
C TRP A 66 6.00 -15.98 13.20
N PRO A 67 5.49 -16.43 14.35
CA PRO A 67 4.39 -17.41 14.30
C PRO A 67 3.13 -16.89 13.63
N ALA A 68 2.82 -15.60 13.78
CA ALA A 68 1.68 -15.02 13.06
C ALA A 68 1.95 -14.95 11.56
N MET A 69 3.18 -14.57 11.19
CA MET A 69 3.55 -14.53 9.78
C MET A 69 3.49 -15.91 9.15
N GLN A 70 3.86 -16.93 9.92
CA GLN A 70 3.78 -18.29 9.39
C GLN A 70 2.35 -18.67 9.05
N VAL A 71 1.38 -18.18 9.83
CA VAL A 71 -0.01 -18.48 9.51
C VAL A 71 -0.49 -17.65 8.34
N LEU A 72 -0.27 -16.34 8.40
CA LEU A 72 -0.76 -15.46 7.32
C LEU A 72 -0.06 -15.74 6.00
N GLY A 73 1.23 -16.01 6.03
CA GLY A 73 1.99 -16.20 4.82
C GLY A 73 2.14 -15.00 3.90
N PRO A 74 2.51 -13.83 4.42
CA PRO A 74 2.84 -12.72 3.52
C PRO A 74 4.12 -13.04 2.75
N ASN A 75 4.32 -12.33 1.64
CA ASN A 75 5.63 -12.40 1.02
C ASN A 75 6.53 -11.23 1.42
N THR A 76 5.98 -10.22 2.10
CA THR A 76 6.69 -9.02 2.53
C THR A 76 6.18 -8.61 3.89
N VAL A 77 7.09 -8.27 4.80
CA VAL A 77 6.75 -7.83 6.15
C VAL A 77 7.26 -6.40 6.35
N GLN A 78 6.37 -5.52 6.82
CA GLN A 78 6.76 -4.16 7.20
C GLN A 78 7.09 -4.10 8.69
N VAL A 79 8.23 -3.48 9.02
CA VAL A 79 8.70 -3.38 10.40
C VAL A 79 9.20 -1.96 10.67
N PRO A 80 8.85 -1.36 11.80
CA PRO A 80 9.44 -0.06 12.15
C PRO A 80 10.93 -0.17 12.42
N ILE A 81 11.68 0.79 11.89
CA ILE A 81 13.05 1.07 12.31
C ILE A 81 13.01 2.45 12.94
N ALA A 82 13.14 2.50 14.27
CA ALA A 82 12.88 3.72 15.03
C ALA A 82 14.15 4.55 15.14
N TRP A 83 14.03 5.85 14.85
CA TRP A 83 15.16 6.75 15.05
C TRP A 83 15.69 6.65 16.49
N GLU A 84 14.79 6.55 17.48
CA GLU A 84 15.23 6.47 18.88
C GLU A 84 16.05 5.20 19.16
N GLN A 85 15.89 4.15 18.35
CA GLN A 85 16.65 2.94 18.64
C GLN A 85 17.97 2.88 17.88
N VAL A 86 18.07 3.52 16.72
CA VAL A 86 19.33 3.48 15.97
C VAL A 86 20.24 4.68 16.25
N GLU A 87 19.74 5.74 16.88
CA GLU A 87 20.60 6.84 17.31
C GLU A 87 20.16 7.32 18.69
N PRO A 88 20.33 6.48 19.72
CA PRO A 88 19.82 6.84 21.05
C PRO A 88 20.52 8.04 21.64
N GLU A 89 21.78 8.23 21.26
CA GLU A 89 22.54 9.43 21.56
C GLU A 89 23.12 9.92 20.24
N GLU A 90 23.21 11.24 20.10
CA GLU A 90 23.63 11.80 18.82
C GLU A 90 25.01 11.29 18.43
N GLY A 91 25.15 10.86 17.18
CA GLY A 91 26.39 10.34 16.67
C GLY A 91 26.70 8.91 17.01
N ARG A 92 25.94 8.29 17.92
CA ARG A 92 26.23 6.93 18.42
C ARG A 92 25.22 5.97 17.81
N PHE A 93 25.50 5.50 16.61
CA PHE A 93 24.51 4.70 15.88
C PHE A 93 24.53 3.24 16.34
N ASP A 94 23.35 2.60 16.26
CA ASP A 94 23.22 1.19 16.65
C ASP A 94 22.21 0.54 15.70
N PHE A 95 22.70 -0.24 14.74
CA PHE A 95 21.84 -0.92 13.78
C PHE A 95 21.71 -2.41 14.06
N SER A 96 21.94 -2.82 15.31
CA SER A 96 21.91 -4.24 15.65
C SER A 96 20.53 -4.86 15.41
N PHE A 97 19.45 -4.09 15.58
CA PHE A 97 18.14 -4.70 15.32
C PHE A 97 17.91 -4.90 13.83
N VAL A 98 18.36 -3.95 13.00
CA VAL A 98 18.31 -4.17 11.56
C VAL A 98 19.02 -5.46 11.19
N ASP A 99 20.19 -5.71 11.78
CA ASP A 99 20.93 -6.92 11.45
C ASP A 99 20.17 -8.17 11.85
N THR A 100 19.66 -8.19 13.08
CA THR A 100 18.88 -9.31 13.57
C THR A 100 17.65 -9.54 12.71
N LEU A 101 16.99 -8.44 12.31
CA LEU A 101 15.76 -8.55 11.53
C LEU A 101 16.01 -9.11 10.15
N LEU A 102 17.10 -8.70 9.51
CA LEU A 102 17.42 -9.25 8.19
C LEU A 102 17.63 -10.75 8.28
N ASN A 103 18.34 -11.21 9.31
CA ASN A 103 18.57 -12.64 9.50
C ASN A 103 17.25 -13.37 9.65
N GLN A 104 16.33 -12.81 10.43
CA GLN A 104 15.07 -13.50 10.69
C GLN A 104 14.18 -13.53 9.46
N ALA A 105 14.15 -12.42 8.71
CA ALA A 105 13.33 -12.39 7.50
C ALA A 105 13.84 -13.39 6.48
N ARG A 106 15.16 -13.51 6.36
CA ARG A 106 15.73 -14.52 5.47
C ARG A 106 15.39 -15.92 5.94
N GLU A 107 15.50 -16.17 7.25
CA GLU A 107 15.15 -17.49 7.77
C GLU A 107 13.70 -17.84 7.51
N HIS A 108 12.79 -16.87 7.67
CA HIS A 108 11.36 -17.09 7.54
C HIS A 108 10.86 -16.77 6.12
N LYS A 109 11.77 -16.53 5.18
CA LYS A 109 11.48 -16.47 3.74
C LYS A 109 10.48 -15.36 3.39
N VAL A 110 10.73 -14.15 3.88
CA VAL A 110 9.94 -12.99 3.49
C VAL A 110 10.89 -11.87 3.09
N ARG A 111 10.38 -10.99 2.24
CA ARG A 111 11.04 -9.72 1.97
C ARG A 111 10.63 -8.71 3.04
N LEU A 112 11.35 -7.59 3.09
CA LEU A 112 11.12 -6.57 4.11
C LEU A 112 10.84 -5.22 3.47
N VAL A 113 9.96 -4.44 4.12
CA VAL A 113 9.82 -3.01 3.87
C VAL A 113 10.03 -2.32 5.21
N LEU A 114 11.08 -1.52 5.30
CA LEU A 114 11.47 -0.92 6.58
C LEU A 114 10.84 0.46 6.70
N LEU A 115 10.22 0.73 7.86
CA LEU A 115 9.51 1.98 8.10
C LEU A 115 10.37 2.86 9.00
N TRP A 116 10.84 3.97 8.46
CA TRP A 116 11.70 4.91 9.17
C TRP A 116 10.83 5.80 10.06
N PHE A 117 10.72 5.44 11.34
CA PHE A 117 9.95 6.20 12.33
C PHE A 117 10.85 7.30 12.90
N ALA A 118 10.70 8.54 12.39
CA ALA A 118 11.68 9.58 12.72
C ALA A 118 11.02 10.92 13.04
N THR A 119 11.14 11.90 12.13
CA THR A 119 10.57 13.22 12.41
C THR A 119 9.06 13.14 12.65
N TRP A 120 8.35 12.35 11.83
CA TRP A 120 6.91 12.15 11.99
C TRP A 120 6.59 10.68 12.12
N LYS A 121 5.81 10.34 13.15
CA LYS A 121 5.07 9.08 13.20
C LYS A 121 3.65 9.46 13.62
N ASN A 122 2.69 9.30 12.71
CA ASN A 122 1.32 9.74 12.96
C ASN A 122 1.31 11.17 13.48
N ASN A 123 2.01 12.06 12.75
CA ASN A 123 2.10 13.51 12.96
C ASN A 123 3.10 13.89 14.06
N GLY A 124 3.58 12.96 14.89
CA GLY A 124 4.30 13.31 16.10
C GLY A 124 5.75 12.83 16.15
N PRO A 125 6.53 13.41 17.09
CA PRO A 125 7.96 13.07 17.21
C PRO A 125 8.27 11.96 18.20
N GLN A 126 7.28 11.15 18.58
CA GLN A 126 7.45 10.21 19.67
C GLN A 126 8.56 9.18 19.41
N TYR A 127 8.88 8.88 18.14
CA TYR A 127 9.94 7.93 17.84
C TYR A 127 11.31 8.57 17.62
N ALA A 128 11.38 9.91 17.64
CA ALA A 128 12.66 10.58 17.59
C ALA A 128 13.41 10.37 18.92
N PRO A 129 14.74 10.41 18.88
CA PRO A 129 15.51 10.12 20.09
C PRO A 129 15.24 11.10 21.22
N HIS A 130 15.67 10.70 22.43
CA HIS A 130 15.54 11.57 23.59
C HIS A 130 16.09 12.96 23.30
N TRP A 131 17.28 13.02 22.71
CA TRP A 131 17.93 14.32 22.53
C TRP A 131 17.26 15.15 21.45
N VAL A 132 16.31 14.58 20.71
CA VAL A 132 15.50 15.36 19.77
C VAL A 132 14.18 15.77 20.42
N LYS A 133 13.36 14.80 20.83
CA LYS A 133 11.99 15.16 21.18
C LYS A 133 11.87 15.89 22.51
N THR A 134 12.90 15.90 23.36
CA THR A 134 12.81 16.73 24.57
C THR A 134 13.40 18.12 24.39
N ASP A 135 13.95 18.43 23.23
CA ASP A 135 14.61 19.72 22.97
C ASP A 135 13.78 20.50 21.96
N ASN A 136 12.81 21.25 22.46
CA ASN A 136 11.93 22.02 21.59
C ASN A 136 12.56 23.33 21.12
N GLN A 137 13.76 23.66 21.58
CA GLN A 137 14.48 24.82 21.05
C GLN A 137 15.21 24.46 19.77
N ARG A 138 16.11 23.48 19.84
CA ARG A 138 16.82 23.03 18.64
C ARG A 138 15.88 22.35 17.63
N PHE A 139 14.86 21.65 18.11
CA PHE A 139 13.97 20.87 17.24
C PHE A 139 12.54 21.33 17.51
N PRO A 140 12.13 22.46 16.94
CA PRO A 140 10.89 23.11 17.36
C PRO A 140 9.63 22.48 16.78
N ARG A 141 8.58 22.51 17.60
CA ARG A 141 7.25 22.05 17.22
C ARG A 141 6.47 23.12 16.46
N VAL A 142 5.48 22.64 15.70
CA VAL A 142 4.50 23.52 15.08
C VAL A 142 3.84 24.42 16.12
N VAL A 143 3.67 25.69 15.77
CA VAL A 143 3.00 26.67 16.63
C VAL A 143 1.65 27.01 16.02
N THR A 144 0.59 26.94 16.82
CA THR A 144 -0.72 27.31 16.30
C THR A 144 -0.80 28.81 16.08
N ARG A 145 -1.82 29.20 15.30
CA ARG A 145 -2.15 30.60 15.07
C ARG A 145 -2.26 31.38 16.38
N GLU A 146 -2.75 30.73 17.44
CA GLU A 146 -2.93 31.37 18.72
C GLU A 146 -1.68 31.30 19.60
N GLY A 147 -0.60 30.71 19.12
CA GLY A 147 0.68 30.76 19.80
C GLY A 147 1.11 29.53 20.56
N LYS A 148 0.40 28.41 20.45
CA LYS A 148 0.66 27.22 21.25
C LYS A 148 1.50 26.21 20.48
N SER A 149 2.52 25.66 21.13
CA SER A 149 3.26 24.54 20.59
C SER A 149 2.44 23.25 20.71
N ILE A 150 2.34 22.50 19.62
CA ILE A 150 1.57 21.25 19.58
C ILE A 150 2.51 20.09 19.19
N GLY A 151 2.01 18.86 19.34
CA GLY A 151 2.81 17.66 19.19
C GLY A 151 3.17 17.24 17.77
N SER A 152 3.77 18.15 17.01
CA SER A 152 4.16 17.88 15.63
C SER A 152 5.37 18.76 15.32
N LEU A 153 6.43 18.17 14.76
CA LEU A 153 7.63 18.96 14.54
C LEU A 153 7.50 19.82 13.30
N SER A 154 7.99 21.05 13.37
CA SER A 154 7.89 21.97 12.25
C SER A 154 8.79 21.54 11.10
N PRO A 155 8.30 21.51 9.87
CA PRO A 155 9.15 21.14 8.73
C PRO A 155 10.16 22.22 8.34
N HIS A 156 10.09 23.40 8.95
CA HIS A 156 10.88 24.54 8.50
C HIS A 156 12.23 24.64 9.18
N ALA A 157 12.44 23.89 10.25
CA ALA A 157 13.68 23.99 11.02
C ALA A 157 14.77 23.20 10.31
N GLN A 158 15.87 23.88 9.98
CA GLN A 158 16.98 23.21 9.32
C GLN A 158 17.63 22.17 10.24
N ALA A 159 17.64 22.41 11.56
CA ALA A 159 18.30 21.48 12.46
C ALA A 159 17.61 20.11 12.43
N THR A 160 16.28 20.09 12.42
CA THR A 160 15.55 18.83 12.45
C THR A 160 15.75 18.05 11.15
N LEU A 161 15.68 18.74 10.02
CA LEU A 161 15.96 18.10 8.73
C LEU A 161 17.36 17.50 8.71
N ASP A 162 18.36 18.28 9.12
CA ASP A 162 19.74 17.81 9.12
C ASP A 162 19.90 16.55 9.96
N ALA A 163 19.29 16.53 11.15
CA ALA A 163 19.47 15.40 12.06
C ALA A 163 18.78 14.14 11.55
N ASP A 164 17.55 14.29 11.03
CA ASP A 164 16.84 13.15 10.48
C ASP A 164 17.59 12.58 9.28
N ARG A 165 17.98 13.46 8.35
CA ARG A 165 18.68 13.03 7.15
C ARG A 165 20.01 12.35 7.47
N LYS A 166 20.75 12.86 8.46
CA LYS A 166 22.00 12.22 8.84
C LYS A 166 21.76 10.78 9.30
N ALA A 167 20.81 10.58 10.21
CA ALA A 167 20.48 9.24 10.67
C ALA A 167 19.98 8.37 9.53
N PHE A 168 19.15 8.92 8.64
CA PHE A 168 18.63 8.14 7.51
C PHE A 168 19.75 7.75 6.55
N VAL A 169 20.68 8.67 6.30
CA VAL A 169 21.83 8.36 5.45
C VAL A 169 22.65 7.23 6.07
N ALA A 170 22.90 7.30 7.38
CA ALA A 170 23.67 6.24 8.04
C ALA A 170 22.92 4.92 7.97
N PHE A 171 21.60 4.97 8.16
CA PHE A 171 20.71 3.82 7.96
C PHE A 171 20.88 3.20 6.57
N MET A 172 20.77 4.01 5.51
CA MET A 172 20.85 3.47 4.15
C MET A 172 22.25 2.98 3.80
N GLN A 173 23.29 3.64 4.33
CA GLN A 173 24.65 3.12 4.20
C GLN A 173 24.77 1.75 4.84
N HIS A 174 24.26 1.61 6.07
CA HIS A 174 24.34 0.33 6.74
C HIS A 174 23.62 -0.75 5.95
N LEU A 175 22.40 -0.43 5.50
CA LEU A 175 21.61 -1.38 4.72
C LEU A 175 22.36 -1.84 3.48
N LYS A 176 22.99 -0.91 2.76
CA LYS A 176 23.75 -1.30 1.57
C LYS A 176 24.82 -2.34 1.91
N LYS A 177 25.49 -2.16 3.05
CA LYS A 177 26.59 -3.06 3.41
C LYS A 177 26.08 -4.45 3.78
N VAL A 178 24.97 -4.55 4.51
CA VAL A 178 24.59 -5.84 5.11
C VAL A 178 23.46 -6.52 4.36
N ASP A 179 22.93 -5.94 3.30
CA ASP A 179 21.80 -6.55 2.57
C ASP A 179 22.06 -6.66 1.07
N PRO A 180 23.18 -7.25 0.65
CA PRO A 180 23.36 -7.50 -0.79
C PRO A 180 22.36 -8.50 -1.33
N GLN A 181 21.75 -9.33 -0.47
CA GLN A 181 20.66 -10.22 -0.86
C GLN A 181 19.40 -9.45 -1.28
N HIS A 182 19.32 -8.16 -0.96
CA HIS A 182 18.13 -7.36 -1.23
C HIS A 182 16.89 -7.93 -0.56
N THR A 183 17.06 -8.42 0.68
CA THR A 183 15.89 -8.77 1.51
C THR A 183 14.93 -7.59 1.61
N VAL A 184 15.48 -6.40 1.83
CA VAL A 184 14.68 -5.18 1.91
C VAL A 184 14.41 -4.64 0.50
N ILE A 185 13.13 -4.47 0.14
CA ILE A 185 12.77 -4.05 -1.20
C ILE A 185 12.26 -2.61 -1.27
N MET A 186 11.77 -2.03 -0.17
CA MET A 186 11.35 -0.63 -0.18
C MET A 186 11.61 -0.04 1.19
N ILE A 187 11.69 1.30 1.22
CA ILE A 187 11.79 2.06 2.46
C ILE A 187 10.64 3.06 2.50
N GLN A 188 10.06 3.23 3.68
CA GLN A 188 9.05 4.25 3.93
C GLN A 188 9.65 5.33 4.83
N PRO A 189 10.13 6.44 4.28
CA PRO A 189 10.66 7.54 5.12
C PRO A 189 9.53 8.25 5.85
N GLU A 190 9.64 8.33 7.18
CA GLU A 190 8.60 8.88 8.05
C GLU A 190 7.37 7.98 8.02
N ASN A 191 6.37 8.30 8.85
CA ASN A 191 5.15 7.52 8.92
C ASN A 191 3.98 8.46 9.18
N GLU A 192 3.10 8.59 8.19
CA GLU A 192 1.95 9.51 8.25
C GLU A 192 2.39 10.88 8.78
N ALA A 193 3.24 11.53 7.99
CA ALA A 193 3.62 12.92 8.23
C ALA A 193 2.44 13.85 7.98
N GLY A 194 2.42 14.95 8.72
CA GLY A 194 1.30 15.86 8.74
C GLY A 194 1.14 16.39 10.13
N THR A 195 0.06 17.13 10.36
CA THR A 195 -0.12 17.80 11.65
C THR A 195 -1.59 17.77 12.05
N TYR A 196 -1.87 17.24 13.24
CA TYR A 196 -3.16 17.39 13.88
C TYR A 196 -3.17 18.66 14.72
N GLY A 197 -4.28 19.40 14.65
CA GLY A 197 -4.48 20.51 15.54
C GLY A 197 -4.06 21.86 15.02
N SER A 198 -3.53 21.92 13.80
CA SER A 198 -3.23 23.18 13.12
C SER A 198 -3.06 22.89 11.64
N VAL A 199 -3.56 23.79 10.79
CA VAL A 199 -3.41 23.60 9.35
C VAL A 199 -1.96 23.75 8.91
N ARG A 200 -1.19 24.59 9.59
CA ARG A 200 0.22 24.74 9.30
C ARG A 200 0.93 25.29 10.53
N ASP A 201 2.25 25.49 10.39
CA ASP A 201 3.03 26.19 11.40
C ASP A 201 2.77 27.69 11.25
N PHE A 202 2.48 28.36 12.36
CA PHE A 202 2.27 29.80 12.35
C PHE A 202 3.38 30.56 13.05
N SER A 203 4.45 29.84 13.45
CA SER A 203 5.60 30.48 14.07
C SER A 203 6.19 31.52 13.13
N PRO A 204 6.95 32.49 13.67
CA PRO A 204 7.62 33.47 12.79
C PRO A 204 8.47 32.84 11.72
N MET A 205 9.24 31.80 12.07
CA MET A 205 10.04 31.08 11.09
C MET A 205 9.19 30.61 9.93
N ALA A 206 7.98 30.12 10.22
CA ALA A 206 7.08 29.65 9.16
C ALA A 206 6.53 30.83 8.37
N GLN A 207 6.05 31.85 9.06
CA GLN A 207 5.40 33.00 8.43
C GLN A 207 6.34 33.72 7.46
N LYS A 208 7.64 33.78 7.76
CA LYS A 208 8.58 34.41 6.85
C LYS A 208 8.68 33.63 5.54
N LEU A 209 8.49 32.31 5.59
CA LEU A 209 8.44 31.53 4.37
C LEU A 209 7.09 31.65 3.68
N PHE A 210 6.00 31.62 4.46
CA PHE A 210 4.66 31.78 3.90
C PHE A 210 4.48 33.14 3.24
N ASP A 211 5.18 34.16 3.73
CA ASP A 211 5.09 35.48 3.11
C ASP A 211 5.85 35.55 1.80
N GLY A 212 6.86 34.70 1.63
CA GLY A 212 7.68 34.71 0.43
C GLY A 212 6.94 34.27 -0.83
N GLN A 213 7.70 34.20 -1.91
CA GLN A 213 7.16 33.80 -3.20
C GLN A 213 7.04 32.28 -3.27
N VAL A 214 5.96 31.80 -3.90
CA VAL A 214 5.81 30.37 -4.15
C VAL A 214 6.94 29.90 -5.06
N PRO A 215 7.67 28.82 -4.71
CA PRO A 215 8.74 28.36 -5.59
C PRO A 215 8.25 28.09 -7.01
N ASP A 216 9.16 28.24 -7.97
CA ASP A 216 8.78 28.18 -9.37
C ASP A 216 8.31 26.79 -9.76
N GLU A 217 8.94 25.75 -9.21
CA GLU A 217 8.54 24.39 -9.53
C GLU A 217 7.07 24.15 -9.20
N LEU A 218 6.61 24.66 -8.06
CA LEU A 218 5.22 24.46 -7.68
C LEU A 218 4.28 25.29 -8.56
N ILE A 219 4.68 26.53 -8.88
CA ILE A 219 3.90 27.33 -9.82
C ILE A 219 3.72 26.60 -11.14
N LYS A 220 4.80 26.00 -11.65
CA LYS A 220 4.72 25.25 -12.90
C LYS A 220 3.74 24.09 -12.77
N ARG A 221 3.97 23.21 -11.80
CA ARG A 221 3.19 21.97 -11.71
C ARG A 221 1.71 22.25 -11.45
N MET A 222 1.41 23.31 -10.70
CA MET A 222 0.03 23.64 -10.36
C MET A 222 -0.66 24.50 -11.42
N ASN A 223 0.00 24.79 -12.54
CA ASN A 223 -0.58 25.58 -13.62
C ASN A 223 -1.06 26.94 -13.12
N LYS A 224 -0.18 27.64 -12.39
CA LYS A 224 -0.54 28.91 -11.77
C LYS A 224 0.40 30.02 -12.23
N GLN A 225 0.10 31.25 -11.78
CA GLN A 225 0.88 32.46 -12.00
C GLN A 225 1.68 32.80 -10.76
N PRO A 226 2.87 33.39 -10.92
CA PRO A 226 3.75 33.62 -9.76
C PRO A 226 3.11 34.51 -8.72
N GLY A 227 3.64 34.44 -7.51
CA GLY A 227 3.14 35.24 -6.41
C GLY A 227 3.51 34.62 -5.08
N THR A 228 3.01 35.25 -4.03
CA THR A 228 3.17 34.69 -2.70
C THR A 228 2.18 33.55 -2.49
N TRP A 229 2.35 32.85 -1.37
CA TRP A 229 1.47 31.73 -1.08
C TRP A 229 0.02 32.19 -0.98
N ALA A 230 -0.23 33.29 -0.27
CA ALA A 230 -1.59 33.79 -0.11
C ALA A 230 -2.18 34.23 -1.45
N GLN A 231 -1.37 34.87 -2.29
CA GLN A 231 -1.83 35.29 -3.61
C GLN A 231 -2.15 34.09 -4.49
N VAL A 232 -1.27 33.10 -4.52
CA VAL A 232 -1.38 32.04 -5.51
C VAL A 232 -2.52 31.09 -5.16
N PHE A 233 -2.68 30.74 -3.87
CA PHE A 233 -3.58 29.65 -3.50
C PHE A 233 -4.79 30.06 -2.66
N GLY A 234 -4.84 31.29 -2.18
CA GLY A 234 -6.09 31.76 -1.57
C GLY A 234 -6.43 31.02 -0.30
N ALA A 235 -7.67 30.53 -0.20
CA ALA A 235 -8.13 29.90 1.02
C ALA A 235 -7.39 28.60 1.33
N ASP A 236 -6.76 27.98 0.33
CA ASP A 236 -6.03 26.74 0.53
C ASP A 236 -4.53 26.95 0.71
N ALA A 237 -4.09 28.21 0.85
CA ALA A 237 -2.67 28.50 0.94
C ALA A 237 -2.03 27.83 2.16
N ASP A 238 -2.69 27.91 3.32
CA ASP A 238 -2.12 27.36 4.54
C ASP A 238 -1.83 25.87 4.39
N GLU A 239 -2.80 25.11 3.90
CA GLU A 239 -2.67 23.67 3.78
C GLU A 239 -1.70 23.29 2.68
N ILE A 240 -1.75 23.99 1.55
CA ILE A 240 -0.82 23.67 0.45
C ILE A 240 0.62 24.01 0.84
N PHE A 241 0.81 25.16 1.51
CA PHE A 241 2.13 25.51 2.05
C PHE A 241 2.67 24.40 2.95
N HIS A 242 1.83 23.90 3.87
CA HIS A 242 2.28 22.87 4.79
C HIS A 242 2.61 21.57 4.05
N ALA A 243 1.75 21.15 3.12
CA ALA A 243 2.02 19.95 2.31
C ALA A 243 3.30 20.10 1.51
N TRP A 244 3.49 21.25 0.87
CA TRP A 244 4.73 21.49 0.14
C TRP A 244 5.94 21.38 1.06
N SER A 245 5.85 22.00 2.24
CA SER A 245 7.00 22.08 3.15
C SER A 245 7.36 20.73 3.72
N ILE A 246 6.36 19.92 4.05
CA ILE A 246 6.62 18.55 4.49
C ILE A 246 7.16 17.72 3.33
N GLY A 247 6.53 17.83 2.16
CA GLY A 247 6.99 17.10 1.00
C GLY A 247 8.45 17.37 0.66
N ARG A 248 8.85 18.66 0.67
CA ARG A 248 10.24 19.00 0.38
C ARG A 248 11.17 18.43 1.46
N TYR A 249 10.76 18.51 2.72
CA TYR A 249 11.53 17.96 3.83
C TYR A 249 11.83 16.47 3.62
N ILE A 250 10.79 15.69 3.35
CA ILE A 250 10.98 14.25 3.19
C ILE A 250 11.68 13.95 1.87
N ASP A 251 11.39 14.73 0.83
CA ASP A 251 12.10 14.51 -0.44
C ASP A 251 13.60 14.66 -0.27
N GLN A 252 14.02 15.63 0.53
CA GLN A 252 15.45 15.83 0.74
C GLN A 252 16.05 14.64 1.47
N ILE A 253 15.33 14.09 2.46
CA ILE A 253 15.78 12.89 3.14
C ILE A 253 15.84 11.72 2.16
N ALA A 254 14.78 11.53 1.36
CA ALA A 254 14.77 10.44 0.40
C ALA A 254 15.91 10.57 -0.61
N GLN A 255 16.17 11.78 -1.08
CA GLN A 255 17.24 11.99 -2.05
C GLN A 255 18.60 11.63 -1.45
N ALA A 256 18.86 12.08 -0.22
CA ALA A 256 20.15 11.78 0.42
C ALA A 256 20.30 10.29 0.71
N GLY A 257 19.22 9.64 1.16
CA GLY A 257 19.31 8.21 1.38
C GLY A 257 19.50 7.44 0.08
N LYS A 258 18.79 7.82 -0.97
CA LYS A 258 18.92 7.13 -2.25
C LYS A 258 20.33 7.29 -2.82
N ALA A 259 21.03 8.37 -2.47
CA ALA A 259 22.40 8.57 -2.94
C ALA A 259 23.34 7.53 -2.35
N GLU A 260 23.03 7.00 -1.17
CA GLU A 260 23.80 5.92 -0.56
C GLU A 260 23.34 4.54 -1.05
N TYR A 261 22.03 4.34 -1.15
CA TYR A 261 21.48 3.05 -1.50
C TYR A 261 20.09 3.28 -2.09
N PRO A 262 19.96 3.29 -3.42
CA PRO A 262 18.76 3.81 -4.09
C PRO A 262 17.57 2.87 -4.11
N LEU A 263 17.19 2.34 -2.95
CA LEU A 263 15.99 1.54 -2.85
C LEU A 263 14.77 2.40 -3.17
N PRO A 264 13.71 1.81 -3.74
CA PRO A 264 12.46 2.54 -3.90
C PRO A 264 11.95 3.04 -2.55
N MET A 265 11.27 4.18 -2.58
CA MET A 265 10.81 4.80 -1.35
C MET A 265 9.42 5.37 -1.57
N TYR A 266 8.58 5.31 -0.52
CA TYR A 266 7.22 5.81 -0.60
C TYR A 266 6.85 6.45 0.73
N VAL A 267 5.84 7.31 0.70
CA VAL A 267 5.26 7.86 1.93
C VAL A 267 3.83 7.39 2.04
N ASN A 268 3.35 7.27 3.28
CA ASN A 268 2.00 6.80 3.54
C ASN A 268 1.15 7.92 4.13
N ALA A 269 -0.14 7.89 3.81
CA ALA A 269 -1.05 8.99 4.13
C ALA A 269 -2.07 8.55 5.15
N ALA A 270 -2.15 9.28 6.28
CA ALA A 270 -3.37 9.29 7.06
C ALA A 270 -4.45 10.03 6.27
N LEU A 271 -5.54 9.35 5.95
CA LEU A 271 -6.46 9.85 4.93
C LEU A 271 -7.39 10.91 5.50
N ARG A 272 -7.85 11.82 4.64
CA ARG A 272 -9.06 12.57 4.95
C ARG A 272 -10.25 11.85 4.32
N GLY A 273 -11.43 12.10 4.88
CA GLY A 273 -12.65 11.51 4.38
C GLY A 273 -12.83 11.80 2.90
N PRO A 274 -13.14 10.75 2.11
CA PRO A 274 -13.29 10.95 0.67
C PRO A 274 -14.50 11.78 0.27
N PHE A 275 -15.58 11.71 1.04
CA PHE A 275 -16.83 12.36 0.68
C PHE A 275 -17.15 13.56 1.56
N ASN A 276 -16.91 13.46 2.86
CA ASN A 276 -17.19 14.55 3.79
C ASN A 276 -15.97 14.81 4.66
N PRO A 277 -14.87 15.31 4.08
CA PRO A 277 -13.67 15.54 4.87
C PRO A 277 -13.89 16.65 5.87
N GLY A 278 -13.15 16.59 6.98
CA GLY A 278 -13.13 17.66 7.95
C GLY A 278 -12.22 18.77 7.48
N GLN A 279 -11.87 19.64 8.42
CA GLN A 279 -10.89 20.68 8.14
C GLN A 279 -9.48 20.13 8.30
N PRO A 280 -8.51 20.66 7.55
CA PRO A 280 -7.11 20.31 7.82
C PRO A 280 -6.73 20.68 9.25
N GLY A 281 -6.08 19.74 9.94
CA GLY A 281 -5.86 19.84 11.37
C GLY A 281 -6.77 18.92 12.17
N GLN A 282 -8.00 18.71 11.70
CA GLN A 282 -8.78 17.59 12.19
C GLN A 282 -8.24 16.29 11.59
N TYR A 283 -8.18 16.21 10.26
CA TYR A 283 -7.27 15.26 9.64
C TYR A 283 -5.85 15.84 9.66
N ALA A 284 -4.87 14.97 9.42
CA ALA A 284 -3.47 15.39 9.51
C ALA A 284 -3.15 16.31 8.33
N SER A 285 -3.12 17.62 8.60
CA SER A 285 -2.84 18.59 7.55
C SER A 285 -1.41 18.43 7.05
N GLY A 286 -1.24 18.57 5.74
CA GLY A 286 0.07 18.54 5.13
C GLY A 286 0.51 17.16 4.66
N GLY A 287 -0.10 16.11 5.19
CA GLY A 287 0.14 14.77 4.71
C GLY A 287 -0.36 14.61 3.28
N PRO A 288 0.01 13.51 2.65
CA PRO A 288 -0.41 13.35 1.25
C PRO A 288 -1.88 12.90 1.13
N THR A 289 -2.77 13.79 1.54
CA THR A 289 -4.21 13.59 1.45
C THR A 289 -4.68 13.81 0.01
N ASP A 290 -5.94 13.42 -0.27
CA ASP A 290 -6.33 13.27 -1.67
C ASP A 290 -6.50 14.59 -2.39
N ASN A 291 -6.38 15.72 -1.70
CA ASN A 291 -6.53 17.03 -2.29
C ASN A 291 -5.20 17.73 -2.53
N VAL A 292 -4.08 17.13 -2.09
CA VAL A 292 -2.76 17.74 -2.27
C VAL A 292 -1.81 16.75 -2.94
N LEU A 293 -2.37 15.81 -3.71
CA LEU A 293 -1.50 14.86 -4.39
C LEU A 293 -0.58 15.55 -5.40
N ASP A 294 -1.08 16.55 -6.13
CA ASP A 294 -0.23 17.28 -7.07
C ASP A 294 0.86 18.04 -6.34
N VAL A 295 0.53 18.66 -5.20
CA VAL A 295 1.53 19.35 -4.40
C VAL A 295 2.63 18.38 -3.98
N TRP A 296 2.24 17.19 -3.52
CA TRP A 296 3.23 16.20 -3.10
C TRP A 296 4.06 15.69 -4.26
N LYS A 297 3.44 15.49 -5.44
CA LYS A 297 4.23 15.08 -6.61
C LYS A 297 5.24 16.16 -6.99
N ALA A 298 4.85 17.43 -6.92
CA ALA A 298 5.78 18.51 -7.25
C ALA A 298 6.88 18.63 -6.22
N ALA A 299 6.53 18.46 -4.94
CA ALA A 299 7.53 18.57 -3.89
C ALA A 299 8.44 17.35 -3.80
N GLY A 300 8.05 16.22 -4.40
CA GLY A 300 8.74 14.98 -4.10
C GLY A 300 9.15 14.13 -5.30
N PRO A 301 10.04 14.67 -6.15
CA PRO A 301 10.53 13.86 -7.28
C PRO A 301 11.34 12.64 -6.88
N HIS A 302 11.83 12.57 -5.64
CA HIS A 302 12.58 11.42 -5.16
C HIS A 302 11.73 10.45 -4.34
N ILE A 303 10.42 10.67 -4.27
CA ILE A 303 9.47 9.79 -3.59
C ILE A 303 8.69 9.07 -4.68
N ASP A 304 8.79 7.73 -4.69
CA ASP A 304 8.27 6.99 -5.84
C ASP A 304 6.76 6.94 -5.87
N LEU A 305 6.10 6.89 -4.72
CA LEU A 305 4.65 6.87 -4.73
C LEU A 305 4.09 7.36 -3.40
N LEU A 306 2.82 7.74 -3.43
CA LEU A 306 2.08 8.20 -2.26
C LEU A 306 1.05 7.12 -1.93
N ALA A 307 1.22 6.44 -0.78
CA ALA A 307 0.43 5.24 -0.48
C ALA A 307 -0.68 5.54 0.52
N PRO A 308 -1.93 5.14 0.26
CA PRO A 308 -2.97 5.33 1.27
C PRO A 308 -2.94 4.28 2.38
N ASP A 309 -3.28 4.74 3.60
CA ASP A 309 -3.56 3.86 4.74
C ASP A 309 -5.07 3.82 4.94
N ILE A 310 -5.71 2.70 4.62
CA ILE A 310 -7.16 2.66 4.46
C ILE A 310 -7.80 1.88 5.60
N TYR A 311 -8.43 2.61 6.52
CA TYR A 311 -9.22 2.00 7.60
C TYR A 311 -10.67 2.44 7.49
N MET A 312 -11.18 2.45 6.27
CA MET A 312 -12.59 2.74 5.98
C MET A 312 -13.23 1.47 5.46
N PRO A 313 -13.91 0.70 6.31
CA PRO A 313 -14.43 -0.61 5.89
C PRO A 313 -15.58 -0.54 4.91
N GLU A 314 -16.28 0.60 4.81
CA GLU A 314 -17.44 0.67 3.91
C GLU A 314 -16.98 0.64 2.46
N TYR A 315 -17.65 -0.21 1.67
CA TYR A 315 -17.24 -0.52 0.30
C TYR A 315 -17.04 0.74 -0.55
N ARG A 316 -18.02 1.65 -0.54
CA ARG A 316 -17.93 2.82 -1.41
C ARG A 316 -16.78 3.73 -1.00
N MET A 317 -16.54 3.88 0.31
CA MET A 317 -15.41 4.70 0.73
C MET A 317 -14.08 4.03 0.38
N TYR A 318 -13.94 2.74 0.71
CA TYR A 318 -12.69 2.03 0.45
C TYR A 318 -12.32 2.10 -1.03
N THR A 319 -13.26 1.72 -1.92
CA THR A 319 -12.94 1.64 -3.33
C THR A 319 -12.74 3.01 -3.96
N THR A 320 -13.40 4.06 -3.44
CA THR A 320 -13.12 5.41 -3.91
C THR A 320 -11.70 5.84 -3.58
N VAL A 321 -11.25 5.56 -2.34
CA VAL A 321 -9.87 5.88 -1.98
C VAL A 321 -8.90 5.19 -2.93
N LEU A 322 -9.17 3.92 -3.27
CA LEU A 322 -8.32 3.19 -4.22
C LEU A 322 -8.24 3.91 -5.55
N GLU A 323 -9.39 4.40 -6.04
CA GLU A 323 -9.44 5.06 -7.34
C GLU A 323 -8.69 6.39 -7.32
N ARG A 324 -8.83 7.17 -6.25
CA ARG A 324 -8.14 8.45 -6.17
C ARG A 324 -6.63 8.29 -6.04
N TYR A 325 -6.15 7.25 -5.37
CA TYR A 325 -4.70 7.13 -5.24
C TYR A 325 -4.07 6.37 -6.39
N ALA A 326 -4.85 5.64 -7.19
CA ALA A 326 -4.34 5.01 -8.40
C ALA A 326 -4.45 6.02 -9.54
N ARG A 327 -3.33 6.65 -9.87
CA ARG A 327 -3.26 7.68 -10.89
C ARG A 327 -2.24 7.28 -11.95
N PRO A 328 -2.30 7.87 -13.14
CA PRO A 328 -1.21 7.62 -14.11
C PRO A 328 0.17 7.95 -13.54
N ASP A 329 0.26 8.94 -12.64
CA ASP A 329 1.54 9.30 -12.02
C ASP A 329 1.71 8.70 -10.63
N ASN A 330 0.89 7.71 -10.24
CA ASN A 330 0.97 7.16 -8.89
C ASN A 330 0.51 5.70 -8.90
N ALA A 331 1.48 4.78 -8.80
CA ALA A 331 1.18 3.37 -8.61
C ALA A 331 0.50 3.15 -7.25
N LEU A 332 -0.58 2.36 -7.25
CA LEU A 332 -1.33 2.14 -6.02
C LEU A 332 -0.60 1.13 -5.13
N PHE A 333 -0.30 1.53 -3.91
CA PHE A 333 0.17 0.63 -2.87
C PHE A 333 -0.65 0.90 -1.61
N VAL A 334 -1.45 -0.08 -1.20
CA VAL A 334 -2.18 0.07 0.06
C VAL A 334 -1.21 -0.34 1.16
N ALA A 335 -0.56 0.66 1.78
CA ALA A 335 0.53 0.39 2.72
C ALA A 335 0.01 -0.15 4.05
N GLU A 336 -1.21 0.21 4.42
CA GLU A 336 -1.84 -0.25 5.65
C GLU A 336 -3.33 -0.41 5.38
N THR A 337 -3.92 -1.42 6.01
CA THR A 337 -5.37 -1.56 6.00
C THR A 337 -5.74 -2.44 7.20
N GLY A 338 -7.04 -2.53 7.48
CA GLY A 338 -7.48 -3.19 8.70
C GLY A 338 -7.26 -4.68 8.67
N ASN A 339 -7.18 -5.28 9.86
CA ASN A 339 -7.02 -6.71 10.01
C ASN A 339 -8.29 -7.40 10.51
N ARG A 340 -9.42 -6.69 10.54
CA ARG A 340 -10.71 -7.33 10.73
C ARG A 340 -11.12 -8.10 9.47
N PRO A 341 -11.86 -9.20 9.63
CA PRO A 341 -12.09 -10.09 8.48
C PRO A 341 -12.73 -9.43 7.27
N GLU A 342 -13.61 -8.44 7.43
CA GLU A 342 -14.22 -7.78 6.28
C GLU A 342 -13.21 -7.07 5.38
N TYR A 343 -12.03 -6.76 5.90
CA TYR A 343 -11.01 -6.07 5.10
C TYR A 343 -10.33 -7.00 4.10
N ALA A 344 -10.28 -8.31 4.38
CA ALA A 344 -9.49 -9.22 3.56
C ALA A 344 -9.84 -9.13 2.08
N ARG A 345 -11.14 -8.98 1.77
CA ARG A 345 -11.60 -9.03 0.38
C ARG A 345 -11.13 -7.83 -0.45
N TYR A 346 -10.63 -6.77 0.19
CA TYR A 346 -10.19 -5.62 -0.57
C TYR A 346 -8.84 -5.84 -1.24
N LEU A 347 -8.17 -6.98 -1.01
CA LEU A 347 -6.90 -7.26 -1.68
C LEU A 347 -7.06 -7.27 -3.21
N TYR A 348 -8.08 -7.98 -3.72
CA TYR A 348 -8.15 -8.18 -5.16
C TYR A 348 -8.52 -6.89 -5.91
N PRO A 349 -9.51 -6.09 -5.47
CA PRO A 349 -9.72 -4.80 -6.15
C PRO A 349 -8.51 -3.89 -6.09
N THR A 350 -7.72 -3.93 -5.01
CA THR A 350 -6.49 -3.17 -4.98
C THR A 350 -5.54 -3.60 -6.10
N LEU A 351 -5.31 -4.91 -6.22
CA LEU A 351 -4.46 -5.43 -7.29
C LEU A 351 -5.04 -5.11 -8.66
N GLY A 352 -6.36 -5.02 -8.76
CA GLY A 352 -7.04 -4.66 -9.99
C GLY A 352 -6.72 -3.25 -10.50
N HIS A 353 -6.13 -2.39 -9.68
CA HIS A 353 -5.67 -1.09 -10.15
C HIS A 353 -4.25 -1.14 -10.70
N ASN A 354 -3.66 -2.33 -10.75
CA ASN A 354 -2.38 -2.54 -11.43
C ASN A 354 -1.26 -1.69 -10.81
N GLY A 355 -1.28 -1.61 -9.47
CA GLY A 355 -0.22 -1.02 -8.68
C GLY A 355 0.74 -2.08 -8.20
N ILE A 356 1.26 -1.97 -6.98
CA ILE A 356 2.34 -2.85 -6.53
C ILE A 356 1.97 -3.68 -5.30
N GLY A 357 0.74 -3.62 -4.79
CA GLY A 357 0.41 -4.56 -3.74
C GLY A 357 -0.43 -3.91 -2.64
N TRP A 358 -0.43 -4.57 -1.47
CA TRP A 358 -1.45 -4.41 -0.44
C TRP A 358 -0.95 -5.07 0.84
N SER A 359 -1.14 -4.41 1.98
CA SER A 359 -0.60 -4.89 3.25
C SER A 359 -1.61 -4.70 4.38
N ALA A 360 -1.76 -5.72 5.22
CA ALA A 360 -2.64 -5.67 6.37
C ALA A 360 -1.85 -5.23 7.60
N PHE A 361 -2.46 -4.38 8.43
CA PHE A 361 -1.75 -3.83 9.58
C PHE A 361 -2.13 -4.56 10.86
N GLY A 362 -1.14 -4.76 11.73
CA GLY A 362 -1.36 -5.27 13.06
C GLY A 362 -1.24 -6.78 13.17
N ILE A 363 -0.27 -7.36 12.49
CA ILE A 363 -0.15 -8.81 12.36
C ILE A 363 0.96 -9.25 13.30
N ASP A 364 0.59 -9.53 14.55
CA ASP A 364 1.47 -10.25 15.45
C ASP A 364 0.61 -10.79 16.59
N TYR A 365 1.25 -11.55 17.48
CA TYR A 365 0.56 -12.12 18.62
C TYR A 365 0.92 -11.41 19.92
N THR A 366 1.18 -10.09 19.88
CA THR A 366 1.53 -9.39 21.11
C THR A 366 0.34 -9.09 22.02
N ARG A 367 -0.89 -9.41 21.59
CA ARG A 367 -2.13 -9.11 22.32
C ARG A 367 -2.46 -7.63 22.33
N TYR A 368 -1.93 -6.85 21.40
CA TYR A 368 -2.45 -5.51 21.19
C TYR A 368 -3.60 -5.60 20.20
N SER A 369 -4.56 -4.69 20.34
CA SER A 369 -5.66 -4.58 19.39
C SER A 369 -5.90 -3.11 19.08
N ASN A 370 -5.98 -2.79 17.79
CA ASN A 370 -6.40 -1.45 17.37
C ASN A 370 -7.89 -1.41 17.00
N TYR A 371 -8.68 -2.35 17.52
CA TYR A 371 -10.13 -2.19 17.51
C TYR A 371 -10.48 -0.84 18.14
N PRO A 372 -11.49 -0.11 17.64
CA PRO A 372 -12.47 -0.42 16.58
C PRO A 372 -11.98 -0.36 15.13
N LEU A 373 -10.76 0.13 14.88
CA LEU A 373 -10.25 0.10 13.51
C LEU A 373 -10.05 -1.33 13.03
N GLY A 374 -9.42 -2.17 13.87
CA GLY A 374 -9.13 -3.53 13.47
C GLY A 374 -9.74 -4.58 14.37
N ALA A 375 -9.18 -5.78 14.31
CA ALA A 375 -9.74 -6.93 15.01
C ALA A 375 -9.46 -6.86 16.50
N LYS A 376 -10.41 -7.37 17.29
CA LYS A 376 -10.18 -7.48 18.72
C LYS A 376 -9.07 -8.49 19.05
N HIS A 377 -8.83 -9.47 18.18
CA HIS A 377 -7.76 -10.44 18.41
C HIS A 377 -7.13 -10.84 17.09
N VAL A 378 -5.87 -11.26 17.15
CA VAL A 378 -5.17 -11.83 15.99
C VAL A 378 -4.85 -13.28 16.31
N ASN A 379 -5.40 -14.19 15.53
CA ASN A 379 -5.19 -15.61 15.72
C ASN A 379 -5.43 -16.29 14.38
N GLU A 380 -5.39 -17.63 14.38
CA GLU A 380 -5.54 -18.36 13.12
C GLU A 380 -6.92 -18.17 12.51
N GLU A 381 -7.94 -18.00 13.36
CA GLU A 381 -9.27 -17.78 12.81
C GLU A 381 -9.39 -16.41 12.15
N THR A 382 -8.92 -15.34 12.82
CA THR A 382 -9.04 -14.02 12.22
C THR A 382 -8.13 -13.86 11.01
N LEU A 383 -7.02 -14.60 10.97
CA LEU A 383 -6.10 -14.49 9.85
C LEU A 383 -6.53 -15.31 8.64
N ALA A 384 -7.36 -16.35 8.82
CA ALA A 384 -7.69 -17.25 7.72
C ALA A 384 -8.20 -16.54 6.47
N PRO A 385 -9.11 -15.56 6.54
CA PRO A 385 -9.59 -14.92 5.30
C PRO A 385 -8.51 -14.17 4.55
N PHE A 386 -7.51 -13.66 5.27
CA PHE A 386 -6.36 -12.99 4.66
C PHE A 386 -5.42 -14.01 4.05
N ALA A 387 -5.10 -15.08 4.79
CA ALA A 387 -4.23 -16.14 4.28
C ALA A 387 -4.75 -16.75 2.99
N LEU A 388 -6.07 -16.88 2.85
CA LEU A 388 -6.63 -17.47 1.65
C LEU A 388 -6.21 -16.70 0.40
N GLY A 389 -6.38 -15.38 0.42
CA GLY A 389 -5.96 -14.57 -0.70
C GLY A 389 -4.46 -14.56 -0.91
N PHE A 390 -3.69 -14.46 0.19
CA PHE A 390 -2.24 -14.50 0.04
C PHE A 390 -1.78 -15.83 -0.57
N GLN A 391 -2.39 -16.95 -0.15
CA GLN A 391 -2.03 -18.24 -0.74
C GLN A 391 -2.40 -18.30 -2.22
N ALA A 392 -3.61 -17.82 -2.56
CA ALA A 392 -4.04 -17.86 -3.95
C ALA A 392 -3.14 -17.02 -4.85
N VAL A 393 -2.89 -15.78 -4.46
CA VAL A 393 -2.02 -14.95 -5.29
C VAL A 393 -0.61 -15.52 -5.31
N SER A 394 -0.13 -16.07 -4.19
CA SER A 394 1.23 -16.60 -4.19
C SER A 394 1.38 -17.77 -5.15
N MET A 395 0.30 -18.51 -5.40
CA MET A 395 0.31 -19.60 -6.38
C MET A 395 0.60 -19.11 -7.81
N GLY A 396 0.51 -17.82 -8.07
CA GLY A 396 0.82 -17.29 -9.39
C GLY A 396 1.39 -15.89 -9.32
N MET A 397 2.19 -15.61 -8.29
CA MET A 397 2.52 -14.22 -8.00
C MET A 397 3.30 -13.58 -9.15
N ARG A 398 4.27 -14.30 -9.73
CA ARG A 398 5.05 -13.59 -10.74
C ARG A 398 4.23 -13.37 -12.01
N PRO A 399 3.45 -14.33 -12.51
CA PRO A 399 2.52 -13.99 -13.62
C PRO A 399 1.51 -12.91 -13.26
N PHE A 400 0.96 -12.92 -12.06
CA PHE A 400 0.06 -11.84 -11.65
C PHE A 400 0.78 -10.49 -11.68
N ALA A 401 2.04 -10.44 -11.21
CA ALA A 401 2.79 -9.19 -11.20
C ALA A 401 3.14 -8.75 -12.61
N LYS A 402 3.49 -9.69 -13.49
CA LYS A 402 3.70 -9.34 -14.89
C LYS A 402 2.44 -8.73 -15.47
N ALA A 403 1.29 -9.33 -15.19
CA ALA A 403 0.04 -8.79 -15.72
C ALA A 403 -0.23 -7.39 -15.19
N ALA A 404 0.02 -7.17 -13.89
CA ALA A 404 -0.16 -5.82 -13.34
C ALA A 404 0.77 -4.81 -14.01
N SER A 405 2.03 -5.21 -14.26
CA SER A 405 2.98 -4.32 -14.90
C SER A 405 2.53 -3.90 -16.29
N GLU A 406 1.61 -4.65 -16.89
CA GLU A 406 1.09 -4.34 -18.22
C GLU A 406 -0.34 -3.80 -18.16
N GLY A 407 -0.89 -3.57 -16.98
CA GLY A 407 -2.25 -3.09 -16.84
C GLY A 407 -3.30 -4.13 -17.14
N LYS A 408 -2.97 -5.40 -17.00
CA LYS A 408 -3.85 -6.48 -17.44
C LYS A 408 -4.44 -7.28 -16.28
N LEU A 409 -4.42 -6.74 -15.07
CA LEU A 409 -5.00 -7.36 -13.90
C LEU A 409 -6.36 -6.73 -13.62
N HIS A 410 -7.32 -7.57 -13.25
CA HIS A 410 -8.69 -7.14 -12.95
C HIS A 410 -9.07 -7.75 -11.60
N GLY A 411 -9.73 -6.98 -10.76
CA GLY A 411 -10.08 -7.48 -9.44
C GLY A 411 -11.28 -6.76 -8.87
N THR A 412 -12.02 -7.46 -8.01
CA THR A 412 -13.25 -6.89 -7.49
C THR A 412 -13.58 -7.57 -6.17
N ALA A 413 -14.33 -6.86 -5.33
CA ALA A 413 -14.78 -7.38 -4.04
C ALA A 413 -16.28 -7.18 -3.93
N GLU A 414 -16.90 -8.01 -3.09
CA GLU A 414 -18.34 -8.00 -2.90
C GLU A 414 -18.79 -6.76 -2.15
N GLU A 415 -19.82 -6.08 -2.66
CA GLU A 415 -20.48 -4.95 -2.04
C GLU A 415 -21.77 -5.41 -1.39
N PRO A 416 -22.03 -5.06 -0.13
CA PRO A 416 -23.30 -5.44 0.49
C PRO A 416 -24.49 -4.95 -0.34
N GLY A 417 -25.45 -5.83 -0.54
CA GLY A 417 -26.66 -5.50 -1.26
C GLY A 417 -26.57 -5.66 -2.77
N GLN A 418 -25.43 -6.11 -3.30
CA GLN A 418 -25.23 -6.31 -4.73
C GLN A 418 -24.57 -7.67 -4.95
N ALA A 419 -25.35 -8.66 -5.36
CA ALA A 419 -24.81 -10.01 -5.51
C ALA A 419 -24.16 -10.26 -6.88
N VAL A 420 -24.19 -9.28 -7.80
CA VAL A 420 -23.65 -9.50 -9.14
C VAL A 420 -22.82 -8.28 -9.55
N GLN A 421 -21.62 -8.54 -10.07
CA GLN A 421 -20.79 -7.52 -10.69
C GLN A 421 -20.33 -8.01 -12.05
N GLU A 422 -20.04 -7.07 -12.94
CA GLU A 422 -19.51 -7.35 -14.27
C GLU A 422 -18.12 -6.75 -14.41
N LEU A 423 -17.16 -7.56 -14.87
CA LEU A 423 -15.81 -7.12 -15.17
C LEU A 423 -15.58 -7.20 -16.67
N LYS A 424 -15.32 -6.05 -17.28
CA LYS A 424 -14.88 -6.02 -18.67
C LYS A 424 -13.42 -6.42 -18.75
N LEU A 425 -13.12 -7.48 -19.49
CA LEU A 425 -11.76 -7.96 -19.63
C LEU A 425 -11.10 -7.42 -20.91
N ASN A 426 -11.66 -7.75 -22.06
CA ASN A 426 -11.18 -7.20 -23.33
C ASN A 426 -12.33 -7.21 -24.33
N ASP A 427 -12.02 -6.94 -25.61
CA ASP A 427 -13.04 -6.89 -26.66
C ASP A 427 -13.81 -8.19 -26.79
N ARG A 428 -13.18 -9.31 -26.42
CA ARG A 428 -13.72 -10.63 -26.69
C ARG A 428 -14.47 -11.23 -25.53
N TRP A 429 -14.08 -10.92 -24.29
CA TRP A 429 -14.61 -11.61 -23.12
C TRP A 429 -14.87 -10.64 -21.98
N SER A 430 -15.86 -10.99 -21.16
CA SER A 430 -16.16 -10.35 -19.89
C SER A 430 -16.35 -11.43 -18.83
N ALA A 431 -16.41 -11.02 -17.57
CA ALA A 431 -16.68 -11.97 -16.50
C ALA A 431 -17.80 -11.46 -15.62
N THR A 432 -18.79 -12.30 -15.38
CA THR A 432 -19.82 -12.04 -14.40
C THR A 432 -19.36 -12.61 -13.06
N ILE A 433 -19.40 -11.78 -12.02
CA ILE A 433 -19.07 -12.21 -10.67
C ILE A 433 -20.36 -12.30 -9.88
N THR A 434 -20.68 -13.50 -9.38
CA THR A 434 -21.92 -13.74 -8.64
C THR A 434 -21.57 -14.22 -7.24
N TYR A 435 -22.18 -13.59 -6.22
CA TYR A 435 -21.82 -13.84 -4.84
C TYR A 435 -22.91 -14.61 -4.10
N GLY A 436 -22.49 -15.60 -3.32
CA GLY A 436 -23.40 -16.29 -2.41
C GLY A 436 -24.29 -17.32 -3.04
N VAL A 437 -23.88 -17.91 -4.16
CA VAL A 437 -24.73 -18.88 -4.85
C VAL A 437 -24.15 -20.28 -4.77
N PRO A 438 -24.99 -21.30 -4.98
CA PRO A 438 -24.48 -22.66 -5.12
C PRO A 438 -23.52 -22.78 -6.30
N GLN A 439 -22.75 -23.87 -6.27
CA GLN A 439 -21.87 -24.25 -7.35
C GLN A 439 -22.58 -25.08 -8.40
N PHE A 440 -23.88 -24.85 -8.54
CA PHE A 440 -24.76 -25.64 -9.39
C PHE A 440 -25.91 -24.72 -9.77
N TRP A 441 -26.85 -25.24 -10.55
CA TRP A 441 -28.04 -24.47 -10.89
C TRP A 441 -28.77 -24.03 -9.62
N PHE A 442 -29.22 -22.78 -9.60
CA PHE A 442 -30.03 -22.26 -8.51
C PHE A 442 -31.22 -21.51 -9.08
N LYS A 443 -32.33 -21.57 -8.36
CA LYS A 443 -33.54 -20.82 -8.71
C LYS A 443 -33.58 -19.53 -7.90
N GLY A 444 -33.86 -18.43 -8.58
CA GLY A 444 -34.08 -17.15 -7.92
C GLY A 444 -32.92 -16.19 -8.13
N GLU A 445 -33.06 -15.01 -7.53
CA GLU A 445 -31.99 -14.06 -7.70
C GLU A 445 -30.84 -14.36 -6.73
N PRO A 446 -29.60 -14.14 -7.16
CA PRO A 446 -28.44 -14.38 -6.28
C PRO A 446 -28.58 -13.62 -4.98
N PRO A 447 -28.40 -14.27 -3.83
CA PRO A 447 -28.63 -13.57 -2.56
C PRO A 447 -27.46 -12.79 -2.01
N GLY A 448 -26.26 -12.96 -2.56
CA GLY A 448 -25.07 -12.47 -1.92
C GLY A 448 -24.67 -13.35 -0.76
N ASN A 449 -23.40 -13.23 -0.35
CA ASN A 449 -22.98 -13.89 0.86
C ASN A 449 -23.66 -13.21 2.06
N PRO A 450 -23.91 -13.95 3.14
CA PRO A 450 -24.58 -13.34 4.30
C PRO A 450 -23.86 -12.09 4.81
N GLU A 451 -22.53 -12.15 4.89
CA GLU A 451 -21.69 -10.97 5.04
C GLU A 451 -20.90 -10.77 3.75
N PRO A 452 -20.51 -9.54 3.40
CA PRO A 452 -19.74 -9.34 2.16
C PRO A 452 -18.32 -9.86 2.32
N ILE A 453 -18.02 -11.00 1.66
CA ILE A 453 -16.75 -11.70 1.84
C ILE A 453 -16.16 -12.17 0.51
N GLY A 454 -16.92 -12.03 -0.59
CA GLY A 454 -16.44 -12.55 -1.86
C GLY A 454 -15.47 -11.60 -2.57
N ALA A 455 -14.68 -12.18 -3.48
CA ALA A 455 -13.75 -11.42 -4.31
C ALA A 455 -13.32 -12.31 -5.46
N ALA A 456 -12.86 -11.67 -6.54
CA ALA A 456 -12.32 -12.37 -7.70
C ALA A 456 -11.15 -11.56 -8.25
N LEU A 457 -10.19 -12.28 -8.84
CA LEU A 457 -8.99 -11.69 -9.45
C LEU A 457 -8.73 -12.38 -10.78
N ILE A 458 -8.55 -11.59 -11.84
CA ILE A 458 -8.43 -12.14 -13.19
C ILE A 458 -7.28 -11.43 -13.90
N ALA A 459 -6.31 -12.19 -14.39
CA ALA A 459 -5.24 -11.64 -15.24
C ALA A 459 -5.44 -12.09 -16.67
N GLU A 460 -5.38 -11.14 -17.61
CA GLU A 460 -5.38 -11.48 -19.03
C GLU A 460 -3.96 -11.83 -19.42
N LEU A 461 -3.73 -13.12 -19.73
CA LEU A 461 -2.42 -13.56 -20.18
C LEU A 461 -2.25 -13.31 -21.68
N SER A 462 -3.34 -13.49 -22.41
CA SER A 462 -3.41 -13.26 -23.84
C SER A 462 -4.89 -13.09 -24.16
N PRO A 463 -5.25 -12.71 -25.40
CA PRO A 463 -6.67 -12.38 -25.64
C PRO A 463 -7.64 -13.48 -25.26
N ASP A 464 -7.26 -14.76 -25.37
CA ASP A 464 -8.19 -15.84 -25.05
C ASP A 464 -7.75 -16.69 -23.86
N GLU A 465 -6.82 -16.21 -23.04
CA GLU A 465 -6.40 -17.00 -21.88
C GLU A 465 -6.25 -16.12 -20.65
N PHE A 466 -6.82 -16.58 -19.53
CA PHE A 466 -6.91 -15.81 -18.31
C PHE A 466 -6.47 -16.65 -17.11
N LEU A 467 -5.83 -15.99 -16.14
CA LEU A 467 -5.60 -16.57 -14.82
C LEU A 467 -6.75 -16.10 -13.93
N VAL A 468 -7.42 -17.05 -13.29
CA VAL A 468 -8.64 -16.74 -12.54
C VAL A 468 -8.54 -17.34 -11.15
N THR A 469 -8.80 -16.54 -10.12
CA THR A 469 -9.00 -17.07 -8.78
C THR A 469 -10.07 -16.22 -8.09
N GLY A 470 -10.63 -16.76 -7.01
CA GLY A 470 -11.59 -16.00 -6.24
C GLY A 470 -11.91 -16.75 -4.96
N TYR A 471 -12.83 -16.20 -4.18
CA TYR A 471 -13.34 -16.92 -3.03
C TYR A 471 -14.76 -16.44 -2.72
N HIS A 472 -15.57 -17.37 -2.21
CA HIS A 472 -17.00 -17.13 -1.93
C HIS A 472 -17.69 -16.48 -3.13
N ALA A 473 -17.42 -17.01 -4.31
CA ALA A 473 -17.82 -16.31 -5.52
C ALA A 473 -17.81 -17.27 -6.71
N ARG A 474 -18.66 -16.96 -7.68
CA ARG A 474 -18.67 -17.62 -8.97
C ARG A 474 -18.15 -16.65 -10.03
N VAL A 475 -17.27 -17.13 -10.91
CA VAL A 475 -16.76 -16.34 -12.02
C VAL A 475 -17.28 -17.00 -13.29
N THR A 476 -18.10 -16.27 -14.06
CA THR A 476 -18.67 -16.80 -15.31
C THR A 476 -18.14 -15.97 -16.47
N LEU A 477 -17.11 -16.48 -17.13
CA LEU A 477 -16.62 -15.84 -18.35
C LEU A 477 -17.69 -15.98 -19.44
N HIS A 478 -17.88 -14.92 -20.23
CA HIS A 478 -18.90 -14.99 -21.26
C HIS A 478 -18.51 -14.06 -22.41
N PRO A 479 -19.12 -14.24 -23.59
CA PRO A 479 -18.73 -13.41 -24.74
C PRO A 479 -19.05 -11.94 -24.53
N ALA A 480 -18.13 -11.08 -24.99
CA ALA A 480 -18.33 -9.64 -24.97
C ALA A 480 -18.67 -9.08 -26.34
N SER A 481 -18.77 -9.93 -27.36
CA SER A 481 -19.08 -9.48 -28.71
C SER A 481 -19.70 -10.62 -29.48
N ASP A 482 -20.31 -10.28 -30.63
CA ASP A 482 -20.88 -11.31 -31.50
C ASP A 482 -19.81 -12.27 -32.00
N ALA A 483 -18.56 -11.82 -32.09
CA ALA A 483 -17.49 -12.68 -32.61
C ALA A 483 -17.20 -13.87 -31.70
N THR A 484 -17.50 -13.77 -30.41
CA THR A 484 -17.19 -14.86 -29.49
C THR A 484 -18.43 -15.55 -28.96
N ALA A 485 -19.58 -15.35 -29.63
CA ALA A 485 -20.83 -15.92 -29.16
C ALA A 485 -20.78 -17.44 -29.02
N ASN A 486 -19.98 -18.12 -29.83
CA ASN A 486 -19.96 -19.59 -29.84
C ASN A 486 -18.90 -20.13 -28.88
N MET A 487 -19.03 -19.73 -27.62
CA MET A 487 -17.97 -19.92 -26.63
C MET A 487 -17.75 -21.39 -26.32
N ILE A 488 -16.47 -21.77 -26.26
CA ILE A 488 -16.04 -23.11 -25.88
C ILE A 488 -15.02 -22.94 -24.76
N TYR A 489 -15.16 -23.72 -23.69
CA TYR A 489 -14.09 -23.83 -22.71
C TYR A 489 -13.02 -24.77 -23.29
N ASP A 490 -11.88 -24.22 -23.68
CA ASP A 490 -10.85 -25.09 -24.26
C ASP A 490 -10.13 -25.87 -23.16
N ARG A 491 -9.61 -25.15 -22.16
CA ARG A 491 -9.05 -25.74 -20.95
C ARG A 491 -9.43 -24.88 -19.75
N VAL A 492 -9.64 -25.53 -18.62
CA VAL A 492 -9.77 -24.85 -17.33
C VAL A 492 -8.81 -25.57 -16.39
N GLU A 493 -7.54 -25.21 -16.46
CA GLU A 493 -6.50 -25.95 -15.76
C GLU A 493 -6.33 -25.42 -14.35
N GLU A 494 -6.57 -26.27 -13.36
CA GLU A 494 -6.15 -25.95 -12.01
C GLU A 494 -4.68 -26.32 -11.85
N GLY A 495 -3.92 -25.46 -11.19
CA GLY A 495 -2.53 -25.74 -10.97
C GLY A 495 -1.87 -24.57 -10.26
N VAL A 496 -0.54 -24.60 -10.19
CA VAL A 496 0.24 -23.54 -9.55
C VAL A 496 1.46 -23.27 -10.41
N TYR A 497 2.04 -22.09 -10.21
CA TYR A 497 3.30 -21.72 -10.84
C TYR A 497 4.44 -21.93 -9.86
N GLU A 498 5.54 -22.47 -10.36
CA GLU A 498 6.84 -22.39 -9.68
C GLU A 498 7.63 -21.33 -10.44
N GLY A 499 7.81 -20.17 -9.81
CA GLY A 499 8.29 -19.00 -10.51
C GLY A 499 7.36 -18.67 -11.66
N ASN A 500 7.77 -18.95 -12.89
CA ASN A 500 6.93 -18.73 -14.07
C ASN A 500 6.53 -20.03 -14.76
N ASP A 501 6.90 -21.18 -14.22
CA ASP A 501 6.60 -22.46 -14.83
C ASP A 501 5.29 -23.01 -14.29
N TRP A 502 4.31 -23.21 -15.18
CA TRP A 502 3.00 -23.72 -14.80
C TRP A 502 3.07 -25.20 -14.47
N LYS A 503 2.54 -25.57 -13.32
CA LYS A 503 2.46 -26.98 -12.89
C LYS A 503 1.00 -27.41 -12.89
N PHE A 504 0.61 -28.15 -13.92
CA PHE A 504 -0.77 -28.61 -14.10
C PHE A 504 -1.18 -29.64 -13.04
N GLN A 505 -2.38 -29.48 -12.49
CA GLN A 505 -2.99 -30.49 -11.63
C GLN A 505 -4.12 -31.26 -12.32
N ARG A 506 -5.11 -30.56 -12.87
CA ARG A 506 -6.26 -31.20 -13.50
C ARG A 506 -6.97 -30.19 -14.39
N ASN A 507 -7.80 -30.71 -15.30
CA ASN A 507 -8.66 -29.90 -16.15
C ASN A 507 -10.08 -29.95 -15.59
N TRP A 508 -10.59 -28.81 -15.13
CA TRP A 508 -11.99 -28.72 -14.74
C TRP A 508 -12.88 -28.84 -15.96
N ASN A 509 -14.01 -29.55 -15.79
CA ASN A 509 -14.94 -29.75 -16.88
C ASN A 509 -16.27 -30.17 -16.25
N GLY A 510 -17.28 -30.41 -17.09
CA GLY A 510 -18.53 -30.96 -16.59
C GLY A 510 -19.18 -30.05 -15.54
N ASP A 511 -19.63 -30.65 -14.42
CA ASP A 511 -20.25 -29.89 -13.35
C ASP A 511 -19.39 -28.71 -12.89
N GLN A 512 -18.07 -28.85 -12.93
CA GLN A 512 -17.22 -27.81 -12.38
C GLN A 512 -17.13 -26.56 -13.24
N THR A 513 -17.56 -26.59 -14.51
CA THR A 513 -17.58 -25.39 -15.33
C THR A 513 -18.96 -25.06 -15.91
N ASP A 514 -19.98 -25.90 -15.70
CA ASP A 514 -21.31 -25.65 -16.25
C ASP A 514 -21.95 -24.39 -15.70
N TYR A 515 -21.63 -24.02 -14.46
CA TYR A 515 -22.23 -22.85 -13.82
C TYR A 515 -21.13 -21.88 -13.43
N GLY A 516 -20.38 -21.39 -14.42
CA GLY A 516 -19.18 -20.65 -14.13
C GLY A 516 -18.17 -21.54 -13.42
N VAL A 517 -17.10 -20.91 -12.95
CA VAL A 517 -16.17 -21.59 -12.05
C VAL A 517 -16.38 -21.01 -10.66
N ASN A 518 -16.57 -21.90 -9.69
CA ASN A 518 -17.03 -21.52 -8.36
C ASN A 518 -15.93 -21.74 -7.34
N PHE A 519 -15.72 -20.73 -6.50
CA PHE A 519 -14.69 -20.76 -5.47
C PHE A 519 -15.33 -20.68 -4.10
N SER A 520 -14.79 -21.44 -3.15
CA SER A 520 -15.30 -21.38 -1.79
C SER A 520 -14.25 -20.79 -0.86
N SER A 521 -13.62 -21.64 -0.03
CA SER A 521 -12.73 -21.17 1.04
C SER A 521 -11.31 -21.72 0.92
N VAL A 522 -10.95 -22.34 -0.20
CA VAL A 522 -9.60 -22.86 -0.40
C VAL A 522 -8.97 -22.14 -1.58
N PRO A 523 -7.65 -21.97 -1.60
CA PRO A 523 -6.98 -21.20 -2.66
C PRO A 523 -6.83 -22.06 -3.90
N GLN A 524 -7.38 -21.59 -5.02
CA GLN A 524 -7.30 -22.35 -6.26
C GLN A 524 -7.07 -21.37 -7.40
N LEU A 525 -6.10 -21.68 -8.23
CA LEU A 525 -5.74 -20.86 -9.38
C LEU A 525 -6.10 -21.61 -10.65
N LEU A 526 -6.85 -20.98 -11.55
CA LEU A 526 -7.29 -21.62 -12.78
C LEU A 526 -6.72 -20.87 -13.97
N LYS A 527 -6.08 -21.60 -14.89
CA LYS A 527 -5.59 -21.02 -16.14
C LYS A 527 -6.59 -21.43 -17.22
N ILE A 528 -7.40 -20.47 -17.66
CA ILE A 528 -8.58 -20.77 -18.46
C ILE A 528 -8.34 -20.30 -19.89
N LYS A 529 -8.30 -21.25 -20.81
CA LYS A 529 -8.14 -20.95 -22.23
C LYS A 529 -9.51 -21.06 -22.89
N LEU A 530 -9.96 -19.98 -23.52
CA LEU A 530 -11.25 -19.96 -24.18
C LEU A 530 -11.10 -20.11 -25.68
N ALA A 531 -12.10 -20.71 -26.31
CA ALA A 531 -12.13 -20.91 -27.75
C ALA A 531 -13.55 -20.65 -28.25
N THR A 532 -13.74 -20.68 -29.55
CA THR A 532 -15.07 -20.71 -30.13
C THR A 532 -15.14 -21.89 -31.07
N TYR A 533 -16.30 -22.53 -31.13
CA TYR A 533 -16.47 -23.52 -32.16
C TYR A 533 -16.79 -22.82 -33.48
N LYS A 534 -16.36 -23.42 -34.57
CA LYS A 534 -16.48 -22.77 -35.86
C LYS A 534 -17.20 -23.70 -36.81
S SO4 B . -20.79 0.70 -10.00
O1 SO4 B . -19.75 1.67 -9.67
O2 SO4 B . -22.10 1.35 -9.99
O3 SO4 B . -20.76 -0.39 -9.02
O4 SO4 B . -20.53 0.14 -11.33
S SO4 C . 20.81 21.74 2.73
O1 SO4 C . 19.46 21.37 3.19
O2 SO4 C . 20.86 23.17 2.47
O3 SO4 C . 21.79 21.38 3.77
O4 SO4 C . 21.14 21.01 1.50
S SO4 D . 10.11 -15.07 -5.83
O1 SO4 D . 9.55 -14.61 -4.56
O2 SO4 D . 9.09 -15.02 -6.88
O3 SO4 D . 11.27 -14.21 -6.15
O4 SO4 D . 10.57 -16.45 -5.72
S SO4 E . 14.15 23.10 -1.12
O1 SO4 E . 12.82 22.49 -1.00
O2 SO4 E . 14.37 23.98 0.03
O3 SO4 E . 14.18 23.85 -2.38
O4 SO4 E . 15.19 22.08 -1.14
#